data_4FG2
#
_entry.id   4FG2
#
_cell.length_a   57.192
_cell.length_b   57.192
_cell.length_c   146.330
_cell.angle_alpha   90.00
_cell.angle_beta   90.00
_cell.angle_gamma   120.00
#
_symmetry.space_group_name_H-M   'P 31'
#
loop_
_entity.id
_entity.type
_entity.pdbx_description
1 polymer Expansin-yoaJ
2 branched beta-D-glucopyranose-(1-4)-beta-D-glucopyranose-(1-4)-beta-D-glucopyranose-(1-4)-beta-D-glucopyranose
3 non-polymer 'ACETIC ACID'
4 water water
#
_entity_poly.entity_id   1
_entity_poly.type   'polypeptide(L)'
_entity_poly.pdbx_seq_one_letter_code
;MAYDDLHEGYATYTGSGYSGGAFLLDPIPSDMEITAINPADLNYGGVKAALAGSYLEVEGPKGKTTVYVTDLYPEGARGA
LDLSPNAFRKIGNMKDGKINIKWRVVKAPITGNFTYRIKEGSSRWWAAIQVRNHKYPVMKMEYEKDGKWINMEKMDYNHF
VSTNLGTGSLKVRMTDIRGKVVKDTIPKLPESGTSKAYTVPGHVQFPE
;
_entity_poly.pdbx_strand_id   A,B
#
# COMPACT_ATOMS: atom_id res chain seq x y z
N ALA A 2 -32.86 3.32 7.02
CA ALA A 2 -32.51 4.69 7.37
C ALA A 2 -33.75 5.53 7.72
N TYR A 3 -34.57 5.88 6.72
CA TYR A 3 -35.86 6.50 7.02
C TYR A 3 -36.68 5.48 7.73
N ASP A 4 -36.93 4.38 7.04
CA ASP A 4 -37.50 3.22 7.70
C ASP A 4 -36.65 1.97 7.46
N ASP A 5 -36.65 1.08 8.46
CA ASP A 5 -35.78 -0.08 8.49
C ASP A 5 -36.22 -0.87 9.71
N LEU A 6 -35.89 -2.17 9.76
CA LEU A 6 -36.23 -3.00 10.91
C LEU A 6 -35.33 -4.25 10.95
N HIS A 7 -34.84 -4.56 12.14
CA HIS A 7 -34.06 -5.79 12.36
C HIS A 7 -34.48 -6.50 13.64
N GLU A 8 -34.58 -7.82 13.59
CA GLU A 8 -34.83 -8.60 14.79
C GLU A 8 -33.57 -9.39 15.14
N GLY A 9 -33.32 -9.56 16.44
CA GLY A 9 -32.15 -10.28 16.90
C GLY A 9 -31.95 -10.29 18.41
N TYR A 10 -30.71 -10.53 18.83
CA TYR A 10 -30.38 -10.54 20.25
C TYR A 10 -29.24 -9.58 20.57
N ALA A 11 -29.31 -8.94 21.73
CA ALA A 11 -28.19 -8.18 22.26
C ALA A 11 -27.54 -8.86 23.48
N THR A 12 -26.22 -8.69 23.62
CA THR A 12 -25.53 -8.95 24.88
C THR A 12 -24.84 -7.63 25.17
N TYR A 13 -23.94 -7.61 26.16
CA TYR A 13 -23.20 -6.39 26.44
C TYR A 13 -21.71 -6.62 26.67
N THR A 14 -20.92 -5.59 26.35
CA THR A 14 -19.47 -5.67 26.37
C THR A 14 -18.90 -4.36 26.84
N GLY A 15 -17.66 -4.39 27.33
CA GLY A 15 -16.98 -3.19 27.76
C GLY A 15 -16.03 -2.68 26.69
N SER A 16 -15.79 -3.47 25.66
CA SER A 16 -14.89 -3.05 24.60
C SER A 16 -15.55 -2.05 23.63
N GLY A 17 -14.78 -1.55 22.67
CA GLY A 17 -15.32 -0.70 21.63
C GLY A 17 -15.14 0.81 21.80
N TYR A 18 -14.77 1.22 23.01
CA TYR A 18 -14.50 2.64 23.32
C TYR A 18 -13.15 3.11 22.82
N SER A 19 -12.20 2.19 22.78
CA SER A 19 -10.87 2.48 22.27
C SER A 19 -10.44 1.24 21.49
N GLY A 20 -9.71 1.42 20.40
CA GLY A 20 -9.21 0.27 19.66
C GLY A 20 -10.23 -0.53 18.88
N GLY A 21 -11.46 -0.03 18.78
CA GLY A 21 -12.49 -0.67 17.96
C GLY A 21 -12.05 -0.80 16.52
N ALA A 22 -12.60 -1.77 15.80
CA ALA A 22 -12.17 -2.02 14.42
C ALA A 22 -12.43 -0.84 13.45
N PHE A 23 -13.39 0.03 13.77
CA PHE A 23 -13.75 1.08 12.81
C PHE A 23 -12.89 2.33 12.99
N LEU A 24 -11.91 2.26 13.90
CA LEU A 24 -10.97 3.36 14.13
C LEU A 24 -11.70 4.70 14.32
N LEU A 25 -12.71 4.68 15.19
CA LEU A 25 -13.54 5.86 15.43
C LEU A 25 -13.13 6.61 16.71
N ASP A 26 -11.99 6.24 17.30
CA ASP A 26 -11.45 6.90 18.49
C ASP A 26 -11.15 8.38 18.23
N PRO A 27 -11.26 9.23 19.26
CA PRO A 27 -11.69 8.81 20.61
C PRO A 27 -13.21 8.81 20.79
N ILE A 28 -13.70 7.85 21.55
CA ILE A 28 -15.11 7.79 21.92
C ILE A 28 -15.29 8.16 23.38
N PRO A 29 -16.08 9.21 23.67
CA PRO A 29 -16.32 9.62 25.05
C PRO A 29 -16.85 8.44 25.86
N SER A 30 -16.39 8.29 27.10
CA SER A 30 -16.64 7.09 27.90
C SER A 30 -18.11 6.95 28.28
N ASP A 31 -18.84 8.06 28.20
CA ASP A 31 -20.26 8.07 28.55
C ASP A 31 -21.15 7.84 27.34
N MET A 32 -20.52 7.68 26.17
CA MET A 32 -21.30 7.53 24.96
C MET A 32 -21.94 6.14 24.90
N GLU A 33 -23.19 6.07 24.45
CA GLU A 33 -23.83 4.78 24.22
C GLU A 33 -23.39 4.22 22.86
N ILE A 34 -22.76 3.04 22.88
CA ILE A 34 -22.25 2.41 21.67
C ILE A 34 -22.68 0.96 21.52
N THR A 35 -22.22 0.32 20.44
CA THR A 35 -22.46 -1.09 20.18
C THR A 35 -21.45 -1.62 19.18
N ALA A 36 -21.22 -2.93 19.21
CA ALA A 36 -20.50 -3.60 18.15
C ALA A 36 -21.54 -4.32 17.30
N ILE A 37 -21.24 -4.54 16.02
CA ILE A 37 -22.23 -5.10 15.13
C ILE A 37 -21.79 -6.36 14.41
N ASN A 38 -22.67 -7.37 14.39
CA ASN A 38 -22.45 -8.59 13.63
C ASN A 38 -22.00 -8.29 12.21
N PRO A 39 -21.16 -9.18 11.66
CA PRO A 39 -20.56 -8.97 10.34
C PRO A 39 -21.57 -8.93 9.17
N ALA A 40 -22.57 -9.79 9.17
CA ALA A 40 -23.55 -9.79 8.09
C ALA A 40 -24.22 -8.40 7.93
N ASP A 41 -24.72 -7.88 9.04
CA ASP A 41 -25.40 -6.58 9.03
C ASP A 41 -24.44 -5.41 8.85
N LEU A 42 -23.20 -5.59 9.29
CA LEU A 42 -22.18 -4.55 9.12
C LEU A 42 -21.86 -4.31 7.64
N ASN A 43 -21.78 -5.40 6.90
CA ASN A 43 -21.38 -5.33 5.52
C ASN A 43 -22.60 -5.30 4.59
N TYR A 44 -23.61 -4.52 5.01
CA TYR A 44 -24.82 -4.35 4.22
C TYR A 44 -24.48 -3.99 2.78
N GLY A 45 -25.16 -4.63 1.84
CA GLY A 45 -25.06 -4.30 0.42
C GLY A 45 -23.73 -4.64 -0.21
N GLY A 46 -22.99 -5.54 0.45
CA GLY A 46 -21.70 -5.93 -0.06
C GLY A 46 -20.62 -4.89 0.19
N VAL A 47 -20.95 -3.83 0.94
CA VAL A 47 -19.95 -2.83 1.26
C VAL A 47 -19.35 -3.13 2.63
N LYS A 48 -18.04 -3.34 2.69
CA LYS A 48 -17.37 -3.61 3.96
C LYS A 48 -17.52 -2.42 4.90
N ALA A 49 -17.85 -2.71 6.16
CA ALA A 49 -18.10 -1.67 7.16
C ALA A 49 -19.16 -0.64 6.71
N ALA A 50 -20.18 -1.09 5.99
CA ALA A 50 -21.25 -0.18 5.56
C ALA A 50 -21.82 0.61 6.74
N LEU A 51 -22.08 -0.10 7.84
CA LEU A 51 -22.76 0.48 8.99
C LEU A 51 -21.82 1.00 10.06
N ALA A 52 -20.53 1.06 9.75
CA ALA A 52 -19.58 1.63 10.69
C ALA A 52 -19.91 3.12 10.88
N GLY A 53 -20.07 3.52 12.13
CA GLY A 53 -20.28 4.94 12.43
C GLY A 53 -21.72 5.34 12.13
N SER A 54 -22.58 4.35 12.00
CA SER A 54 -24.00 4.62 11.86
C SER A 54 -24.54 4.71 13.27
N TYR A 55 -25.80 5.09 13.39
CA TYR A 55 -26.49 5.09 14.67
C TYR A 55 -27.70 4.19 14.58
N LEU A 56 -27.92 3.43 15.64
CA LEU A 56 -29.05 2.50 15.71
C LEU A 56 -29.96 2.84 16.87
N GLU A 57 -31.26 2.82 16.63
CA GLU A 57 -32.19 2.80 17.75
C GLU A 57 -32.49 1.35 18.07
N VAL A 58 -32.37 0.98 19.34
CA VAL A 58 -32.53 -0.41 19.71
C VAL A 58 -33.60 -0.55 20.76
N GLU A 59 -34.48 -1.51 20.57
CA GLU A 59 -35.58 -1.73 21.49
C GLU A 59 -35.43 -3.07 22.22
N GLY A 60 -35.50 -3.00 23.54
CA GLY A 60 -35.45 -4.21 24.35
C GLY A 60 -36.73 -4.33 25.17
N PRO A 61 -36.76 -5.31 26.08
CA PRO A 61 -37.93 -5.51 26.93
C PRO A 61 -38.30 -4.28 27.76
N LYS A 62 -37.33 -3.45 28.12
CA LYS A 62 -37.57 -2.37 29.08
C LYS A 62 -37.73 -0.98 28.48
N GLY A 63 -37.37 -0.83 27.20
CA GLY A 63 -37.48 0.46 26.53
C GLY A 63 -36.62 0.56 25.29
N LYS A 64 -36.38 1.79 24.84
CA LYS A 64 -35.57 2.01 23.65
C LYS A 64 -34.43 2.96 23.93
N THR A 65 -33.36 2.83 23.14
CA THR A 65 -32.24 3.75 23.25
C THR A 65 -31.52 3.84 21.93
N THR A 66 -30.63 4.82 21.81
CA THR A 66 -29.87 5.01 20.58
C THR A 66 -28.37 4.77 20.79
N VAL A 67 -27.75 4.02 19.89
CA VAL A 67 -26.33 3.73 20.00
C VAL A 67 -25.54 4.04 18.73
N TYR A 68 -24.25 4.28 18.92
CA TYR A 68 -23.26 4.55 17.88
C TYR A 68 -22.47 3.28 17.60
N VAL A 69 -22.27 2.97 16.32
CA VAL A 69 -21.63 1.71 15.92
C VAL A 69 -20.13 1.86 15.73
N THR A 70 -19.35 1.33 16.68
CA THR A 70 -17.92 1.63 16.71
C THR A 70 -17.05 0.39 16.44
N ASP A 71 -17.66 -0.79 16.47
CA ASP A 71 -16.83 -1.98 16.44
C ASP A 71 -17.53 -3.17 15.77
N LEU A 72 -16.74 -4.12 15.32
CA LEU A 72 -17.25 -5.35 14.73
C LEU A 72 -17.54 -6.36 15.85
N TYR A 73 -18.63 -7.11 15.70
CA TYR A 73 -19.01 -8.15 16.66
C TYR A 73 -18.83 -9.49 15.92
N PRO A 74 -17.60 -10.03 15.98
CA PRO A 74 -17.14 -11.12 15.09
C PRO A 74 -17.96 -12.40 15.19
N GLU A 75 -18.40 -12.73 16.40
CA GLU A 75 -19.12 -13.99 16.63
C GLU A 75 -20.63 -13.82 16.51
N GLY A 76 -21.07 -12.63 16.11
CA GLY A 76 -22.48 -12.35 16.07
C GLY A 76 -23.19 -12.90 14.85
N ALA A 77 -24.34 -13.51 15.09
CA ALA A 77 -25.20 -13.97 14.01
C ALA A 77 -25.92 -12.77 13.40
N ARG A 78 -26.65 -13.01 12.31
CA ARG A 78 -27.48 -11.99 11.69
C ARG A 78 -28.38 -11.36 12.74
N GLY A 79 -28.48 -10.03 12.72
CA GLY A 79 -29.30 -9.30 13.68
C GLY A 79 -28.73 -9.09 15.07
N ALA A 80 -27.61 -9.73 15.41
CA ALA A 80 -27.07 -9.64 16.78
C ALA A 80 -26.21 -8.39 17.05
N LEU A 81 -26.42 -7.77 18.22
CA LEU A 81 -25.67 -6.59 18.64
C LEU A 81 -24.94 -6.86 19.96
N ASP A 82 -23.88 -6.11 20.23
CA ASP A 82 -23.17 -6.20 21.51
C ASP A 82 -23.03 -4.80 22.09
N LEU A 83 -23.96 -4.46 22.98
CA LEU A 83 -24.12 -3.11 23.52
C LEU A 83 -23.12 -2.74 24.61
N SER A 84 -22.97 -1.43 24.85
CA SER A 84 -22.23 -0.96 26.02
C SER A 84 -23.17 -1.06 27.22
N PRO A 85 -22.61 -1.29 28.42
CA PRO A 85 -23.43 -1.44 29.63
C PRO A 85 -24.46 -0.33 29.79
N ASN A 86 -24.08 0.92 29.57
CA ASN A 86 -25.02 2.03 29.75
C ASN A 86 -26.19 2.04 28.74
N ALA A 87 -26.08 1.29 27.64
CA ALA A 87 -27.17 1.22 26.67
C ALA A 87 -28.09 0.06 27.00
N PHE A 88 -27.47 -1.10 27.26
CA PHE A 88 -28.16 -2.33 27.66
C PHE A 88 -29.03 -2.08 28.89
N ARG A 89 -28.47 -1.30 29.82
CA ARG A 89 -29.13 -0.95 31.07
C ARG A 89 -30.50 -0.31 30.81
N LYS A 90 -30.59 0.50 29.76
CA LYS A 90 -31.84 1.20 29.45
C LYS A 90 -32.94 0.33 28.85
N ILE A 91 -32.55 -0.75 28.17
CA ILE A 91 -33.53 -1.53 27.42
C ILE A 91 -33.67 -2.95 27.94
N GLY A 92 -32.86 -3.31 28.93
CA GLY A 92 -32.82 -4.67 29.44
C GLY A 92 -32.31 -4.82 30.85
N ASN A 93 -32.55 -5.99 31.43
CA ASN A 93 -32.14 -6.32 32.79
C ASN A 93 -30.69 -6.78 32.75
N MET A 94 -29.82 -6.05 33.44
CA MET A 94 -28.39 -6.38 33.49
C MET A 94 -28.10 -7.75 34.13
N LYS A 95 -29.11 -8.33 34.78
CA LYS A 95 -28.95 -9.68 35.35
C LYS A 95 -29.13 -10.74 34.27
N ASP A 96 -29.59 -10.30 33.08
CA ASP A 96 -29.63 -11.17 31.92
C ASP A 96 -28.35 -10.98 31.11
N GLY A 97 -27.84 -12.06 30.53
CA GLY A 97 -26.62 -11.97 29.74
C GLY A 97 -26.92 -11.80 28.26
N LYS A 98 -28.21 -11.79 27.93
CA LYS A 98 -28.68 -11.78 26.56
C LYS A 98 -30.15 -11.33 26.57
N ILE A 99 -30.58 -10.58 25.56
CA ILE A 99 -31.98 -10.12 25.45
C ILE A 99 -32.48 -10.09 24.01
N ASN A 100 -33.78 -10.24 23.85
CA ASN A 100 -34.43 -10.04 22.55
C ASN A 100 -34.45 -8.56 22.21
N ILE A 101 -34.09 -8.23 20.97
CA ILE A 101 -34.11 -6.83 20.57
C ILE A 101 -34.71 -6.65 19.18
N LYS A 102 -35.17 -5.42 18.94
CA LYS A 102 -35.49 -4.93 17.60
C LYS A 102 -34.65 -3.69 17.41
N TRP A 103 -34.11 -3.48 16.21
CA TRP A 103 -33.35 -2.26 15.95
C TRP A 103 -33.45 -1.78 14.51
N ARG A 104 -33.00 -0.55 14.29
CA ARG A 104 -33.07 0.06 12.97
C ARG A 104 -32.03 1.16 12.87
N VAL A 105 -31.45 1.28 11.69
CA VAL A 105 -30.61 2.45 11.40
C VAL A 105 -31.48 3.69 11.53
N VAL A 106 -30.99 4.70 12.25
CA VAL A 106 -31.69 5.98 12.35
C VAL A 106 -30.76 7.11 11.98
N LYS A 107 -31.31 8.31 11.79
CA LYS A 107 -30.48 9.50 11.58
C LYS A 107 -29.59 9.76 12.80
N ALA A 108 -28.33 10.13 12.53
CA ALA A 108 -27.39 10.49 13.59
C ALA A 108 -27.87 11.73 14.34
N PRO A 109 -27.87 11.65 15.67
CA PRO A 109 -28.20 12.78 16.54
C PRO A 109 -27.03 13.77 16.57
N ILE A 110 -26.66 14.30 15.42
CA ILE A 110 -25.50 15.15 15.34
C ILE A 110 -25.83 16.49 14.71
N THR A 111 -24.84 17.37 14.67
CA THR A 111 -24.96 18.65 13.98
C THR A 111 -23.68 18.91 13.21
N GLY A 112 -23.77 19.80 12.22
CA GLY A 112 -22.60 20.17 11.43
C GLY A 112 -22.31 19.25 10.24
N ASN A 113 -21.15 19.45 9.62
CA ASN A 113 -20.80 18.71 8.42
C ASN A 113 -19.93 17.50 8.69
N PHE A 114 -19.65 16.74 7.62
CA PHE A 114 -18.66 15.67 7.70
C PHE A 114 -17.31 16.20 8.22
N THR A 115 -16.56 15.30 8.84
CA THR A 115 -15.12 15.46 9.05
C THR A 115 -14.42 14.30 8.35
N TYR A 116 -13.27 14.56 7.73
CA TYR A 116 -12.53 13.52 7.06
C TYR A 116 -11.30 13.16 7.87
N ARG A 117 -10.99 11.86 7.89
CA ARG A 117 -9.77 11.38 8.53
C ARG A 117 -8.86 10.71 7.51
N ILE A 118 -7.67 11.28 7.37
CA ILE A 118 -6.68 10.79 6.43
C ILE A 118 -5.75 9.85 7.19
N LYS A 119 -5.80 8.57 6.87
CA LYS A 119 -4.97 7.58 7.55
C LYS A 119 -3.49 7.87 7.32
N GLU A 120 -2.68 7.63 8.35
CA GLU A 120 -1.24 7.69 8.23
C GLU A 120 -0.77 6.78 7.10
N GLY A 121 0.29 7.16 6.39
CA GLY A 121 0.75 6.42 5.24
C GLY A 121 0.06 6.78 3.93
N SER A 122 -0.93 7.68 4.01
CA SER A 122 -1.64 8.10 2.80
C SER A 122 -0.82 9.06 1.97
N SER A 123 -1.01 8.95 0.66
CA SER A 123 -0.38 9.86 -0.28
C SER A 123 -1.16 9.83 -1.58
N ARG A 124 -0.65 10.55 -2.57
CA ARG A 124 -1.16 10.48 -3.92
C ARG A 124 -1.10 9.05 -4.48
N TRP A 125 -0.21 8.21 -3.97
CA TRP A 125 -0.04 6.86 -4.52
C TRP A 125 -1.07 5.90 -3.96
N TRP A 126 -1.44 6.12 -2.71
CA TRP A 126 -2.40 5.27 -2.00
C TRP A 126 -2.91 6.07 -0.81
N ALA A 127 -4.23 6.08 -0.64
CA ALA A 127 -4.84 6.84 0.45
C ALA A 127 -6.03 6.11 1.06
N ALA A 128 -6.18 6.23 2.37
CA ALA A 128 -7.34 5.71 3.09
C ALA A 128 -8.09 6.86 3.75
N ILE A 129 -9.31 7.14 3.26
CA ILE A 129 -10.07 8.26 3.80
C ILE A 129 -11.32 7.80 4.51
N GLN A 130 -11.44 8.22 5.76
CA GLN A 130 -12.61 7.90 6.57
C GLN A 130 -13.53 9.12 6.71
N VAL A 131 -14.84 8.87 6.71
CA VAL A 131 -15.79 9.94 6.96
C VAL A 131 -16.30 9.82 8.38
N ARG A 132 -16.40 10.95 9.06
CA ARG A 132 -16.95 11.01 10.41
C ARG A 132 -18.04 12.04 10.48
N ASN A 133 -18.81 11.97 11.56
CA ASN A 133 -19.90 12.89 11.81
C ASN A 133 -20.87 12.92 10.60
N HIS A 134 -21.32 11.72 10.22
CA HIS A 134 -22.25 11.57 9.11
C HIS A 134 -23.62 11.12 9.59
N LYS A 135 -24.66 11.80 9.11
CA LYS A 135 -26.02 11.55 9.61
C LYS A 135 -26.55 10.15 9.29
N TYR A 136 -26.00 9.54 8.25
CA TYR A 136 -26.46 8.24 7.77
C TYR A 136 -25.25 7.43 7.32
N PRO A 137 -25.39 6.10 7.27
CA PRO A 137 -24.25 5.26 6.84
C PRO A 137 -23.74 5.66 5.46
N VAL A 138 -22.42 5.67 5.29
CA VAL A 138 -21.82 6.03 4.03
C VAL A 138 -21.56 4.75 3.22
N MET A 139 -22.30 4.61 2.11
CA MET A 139 -22.26 3.40 1.31
C MET A 139 -21.19 3.47 0.25
N LYS A 140 -20.80 4.71 -0.10
CA LYS A 140 -20.00 4.92 -1.29
C LYS A 140 -19.23 6.23 -1.25
N MET A 141 -17.98 6.20 -1.70
CA MET A 141 -17.19 7.41 -1.79
C MET A 141 -16.41 7.39 -3.08
N GLU A 142 -16.53 8.45 -3.87
CA GLU A 142 -15.85 8.54 -5.15
C GLU A 142 -15.03 9.81 -5.20
N TYR A 143 -13.95 9.80 -5.97
CA TYR A 143 -13.20 11.03 -6.24
C TYR A 143 -13.01 11.22 -7.73
N GLU A 144 -12.92 12.48 -8.15
CA GLU A 144 -12.74 12.77 -9.55
C GLU A 144 -11.27 12.82 -9.92
N LYS A 145 -10.97 12.24 -11.08
CA LYS A 145 -9.64 12.30 -11.66
C LYS A 145 -9.79 12.33 -13.18
N ASP A 146 -9.28 13.38 -13.82
CA ASP A 146 -9.33 13.52 -15.29
C ASP A 146 -10.76 13.43 -15.85
N GLY A 147 -11.67 14.20 -15.29
CA GLY A 147 -13.03 14.26 -15.80
C GLY A 147 -13.90 13.04 -15.55
N LYS A 148 -13.33 12.05 -14.85
CA LYS A 148 -14.02 10.79 -14.54
C LYS A 148 -14.14 10.57 -13.03
N TRP A 149 -15.23 9.94 -12.61
CA TRP A 149 -15.44 9.65 -11.20
C TRP A 149 -14.98 8.23 -10.79
N ILE A 150 -14.03 8.14 -9.86
CA ILE A 150 -13.46 6.85 -9.47
C ILE A 150 -13.98 6.34 -8.13
N ASN A 151 -14.46 5.10 -8.11
CA ASN A 151 -14.99 4.50 -6.89
C ASN A 151 -13.87 4.06 -5.94
N MET A 152 -14.06 4.33 -4.65
CA MET A 152 -13.11 3.86 -3.63
C MET A 152 -13.67 2.66 -2.88
N GLU A 153 -12.84 1.65 -2.67
CA GLU A 153 -13.29 0.49 -1.91
C GLU A 153 -13.36 0.84 -0.43
N LYS A 154 -14.51 0.61 0.20
CA LYS A 154 -14.57 0.77 1.65
C LYS A 154 -13.91 -0.45 2.31
N MET A 155 -13.08 -0.20 3.31
CA MET A 155 -12.35 -1.28 3.98
C MET A 155 -13.00 -1.67 5.30
N ASP A 156 -12.59 -2.83 5.82
CA ASP A 156 -13.03 -3.30 7.13
C ASP A 156 -12.76 -2.29 8.24
N TYR A 157 -11.71 -1.49 8.05
CA TYR A 157 -11.36 -0.50 9.07
C TYR A 157 -12.00 0.88 8.83
N ASN A 158 -13.14 0.89 8.13
CA ASN A 158 -13.98 2.09 8.03
C ASN A 158 -13.27 3.30 7.35
N HIS A 159 -12.43 2.99 6.35
CA HIS A 159 -11.82 4.01 5.49
C HIS A 159 -12.05 3.59 4.02
N PHE A 160 -12.27 4.57 3.15
CA PHE A 160 -12.31 4.34 1.72
C PHE A 160 -10.91 4.49 1.16
N VAL A 161 -10.51 3.52 0.34
CA VAL A 161 -9.15 3.45 -0.17
C VAL A 161 -9.10 3.57 -1.69
N SER A 162 -8.08 4.26 -2.19
CA SER A 162 -7.76 4.19 -3.62
C SER A 162 -6.26 4.36 -3.88
N THR A 163 -5.87 4.20 -5.14
CA THR A 163 -4.49 4.40 -5.55
C THR A 163 -4.43 5.40 -6.69
N ASN A 164 -3.27 6.06 -6.83
CA ASN A 164 -3.05 7.04 -7.90
C ASN A 164 -4.18 8.05 -8.01
N LEU A 165 -4.49 8.68 -6.89
CA LEU A 165 -5.61 9.60 -6.82
C LEU A 165 -5.28 10.88 -7.59
N GLY A 166 -4.00 11.05 -7.90
CA GLY A 166 -3.53 12.22 -8.61
C GLY A 166 -3.12 13.31 -7.65
N THR A 167 -2.65 14.41 -8.20
CA THR A 167 -2.23 15.57 -7.41
C THR A 167 -3.32 16.62 -7.36
N GLY A 168 -3.13 17.61 -6.50
CA GLY A 168 -4.10 18.67 -6.31
C GLY A 168 -5.12 18.31 -5.26
N SER A 169 -5.98 19.25 -4.91
CA SER A 169 -7.08 18.97 -4.00
C SER A 169 -8.00 17.92 -4.66
N LEU A 170 -8.76 17.21 -3.84
CA LEU A 170 -9.55 16.10 -4.35
C LEU A 170 -11.03 16.41 -4.25
N LYS A 171 -11.70 16.39 -5.39
CA LYS A 171 -13.15 16.43 -5.41
C LYS A 171 -13.64 15.04 -5.10
N VAL A 172 -14.54 14.94 -4.12
CA VAL A 172 -15.09 13.66 -3.71
C VAL A 172 -16.61 13.76 -3.68
N ARG A 173 -17.29 12.61 -3.76
CA ARG A 173 -18.71 12.58 -3.49
C ARG A 173 -19.13 11.34 -2.71
N MET A 174 -20.04 11.54 -1.76
CA MET A 174 -20.40 10.50 -0.83
C MET A 174 -21.84 10.12 -1.06
N THR A 175 -22.14 8.82 -0.96
CA THR A 175 -23.51 8.36 -1.08
C THR A 175 -23.91 7.63 0.19
N ASP A 176 -25.06 8.01 0.72
CA ASP A 176 -25.53 7.36 1.95
C ASP A 176 -26.40 6.12 1.65
N ILE A 177 -26.87 5.47 2.71
CA ILE A 177 -27.60 4.22 2.58
C ILE A 177 -28.96 4.42 1.92
N ARG A 178 -29.41 5.66 1.85
CA ARG A 178 -30.67 6.02 1.22
C ARG A 178 -30.48 6.29 -0.27
N GLY A 179 -29.23 6.32 -0.71
CA GLY A 179 -28.94 6.75 -2.07
C GLY A 179 -28.75 8.26 -2.23
N LYS A 180 -28.78 9.02 -1.13
CA LYS A 180 -28.50 10.48 -1.21
C LYS A 180 -27.03 10.75 -1.54
N VAL A 181 -26.79 11.68 -2.47
CA VAL A 181 -25.43 11.98 -2.91
C VAL A 181 -25.05 13.40 -2.52
N VAL A 182 -23.88 13.58 -1.89
CA VAL A 182 -23.35 14.93 -1.66
C VAL A 182 -21.92 15.03 -2.15
N LYS A 183 -21.45 16.24 -2.42
CA LYS A 183 -20.11 16.42 -2.98
C LYS A 183 -19.30 17.38 -2.13
N ASP A 184 -17.98 17.28 -2.20
CA ASP A 184 -17.14 18.11 -1.34
C ASP A 184 -15.75 18.12 -1.94
N THR A 185 -14.85 18.86 -1.29
CA THR A 185 -13.45 18.95 -1.71
C THR A 185 -12.58 18.71 -0.49
N ILE A 186 -11.49 17.99 -0.66
CA ILE A 186 -10.56 17.68 0.42
C ILE A 186 -9.21 18.24 0.01
N PRO A 187 -8.44 18.79 0.97
CA PRO A 187 -7.10 19.29 0.62
C PRO A 187 -6.22 18.23 -0.03
N LYS A 188 -5.19 18.66 -0.74
CA LYS A 188 -4.36 17.74 -1.51
C LYS A 188 -3.62 16.72 -0.61
N LEU A 189 -3.33 15.55 -1.18
CA LEU A 189 -2.54 14.54 -0.50
C LEU A 189 -1.06 14.80 -0.75
N PRO A 190 -0.22 14.52 0.26
CA PRO A 190 1.23 14.73 0.09
C PRO A 190 1.88 13.76 -0.89
N GLU A 191 3.09 14.11 -1.31
CA GLU A 191 3.87 13.31 -2.25
C GLU A 191 4.42 12.06 -1.57
N SER A 192 4.65 12.16 -0.27
CA SER A 192 5.12 11.04 0.54
C SER A 192 4.09 10.70 1.60
N GLY A 193 4.03 9.42 1.99
CA GLY A 193 3.09 8.94 2.98
C GLY A 193 3.08 9.72 4.28
N THR A 194 1.90 10.22 4.67
CA THR A 194 1.74 11.02 5.88
C THR A 194 2.31 10.30 7.10
N SER A 195 3.19 11.00 7.81
CA SER A 195 3.81 10.44 9.00
C SER A 195 2.77 10.16 10.07
N LYS A 196 1.66 10.89 10.01
CA LYS A 196 0.63 10.76 11.04
C LYS A 196 -0.77 10.97 10.50
N ALA A 197 -1.73 10.28 11.10
CA ALA A 197 -3.13 10.47 10.70
C ALA A 197 -3.59 11.86 11.10
N TYR A 198 -4.51 12.41 10.31
CA TYR A 198 -5.09 13.70 10.63
C TYR A 198 -6.53 13.85 10.13
N THR A 199 -7.27 14.69 10.83
CA THR A 199 -8.64 15.04 10.49
C THR A 199 -8.69 16.36 9.75
N VAL A 200 -9.63 16.46 8.82
CA VAL A 200 -9.88 17.69 8.09
C VAL A 200 -11.39 17.97 8.06
N PRO A 201 -11.79 19.20 8.34
CA PRO A 201 -13.21 19.54 8.36
C PRO A 201 -13.81 19.44 6.96
N GLY A 202 -15.00 18.85 6.86
CA GLY A 202 -15.70 18.82 5.59
C GLY A 202 -16.74 19.93 5.53
N HIS A 203 -17.43 20.06 4.40
CA HIS A 203 -18.31 21.20 4.19
C HIS A 203 -19.70 20.79 3.72
N VAL A 204 -19.98 19.50 3.74
CA VAL A 204 -21.32 19.00 3.43
C VAL A 204 -21.81 17.99 4.48
N GLN A 205 -23.11 17.74 4.45
CA GLN A 205 -23.74 16.74 5.29
C GLN A 205 -24.78 16.03 4.42
N PHE A 206 -25.12 14.78 4.75
CA PHE A 206 -26.26 14.17 4.08
C PHE A 206 -27.53 14.90 4.50
N PRO A 207 -28.55 14.93 3.63
CA PRO A 207 -29.82 15.59 3.99
C PRO A 207 -30.48 14.96 5.22
N GLU A 208 -31.34 15.72 5.88
CA GLU A 208 -32.09 15.24 7.04
C GLU A 208 -32.76 13.89 6.79
N ALA B 2 20.36 -21.66 -25.09
CA ALA B 2 21.52 -22.51 -24.86
C ALA B 2 22.28 -22.21 -23.56
N TYR B 3 23.22 -21.27 -23.61
CA TYR B 3 24.11 -21.04 -22.48
C TYR B 3 24.13 -19.59 -22.01
N ASP B 4 24.73 -18.70 -22.80
CA ASP B 4 24.98 -17.32 -22.38
C ASP B 4 25.05 -16.35 -23.58
N ASP B 5 23.95 -16.22 -24.33
CA ASP B 5 23.92 -15.45 -25.57
C ASP B 5 24.22 -13.95 -25.46
N LEU B 6 24.90 -13.42 -26.48
CA LEU B 6 25.04 -11.97 -26.63
C LEU B 6 23.76 -11.36 -27.18
N HIS B 7 23.55 -10.08 -26.87
CA HIS B 7 22.44 -9.33 -27.47
C HIS B 7 22.98 -8.20 -28.33
N GLU B 8 22.61 -8.22 -29.60
CA GLU B 8 23.00 -7.18 -30.53
C GLU B 8 22.10 -5.95 -30.37
N GLY B 9 22.70 -4.76 -30.44
CA GLY B 9 21.93 -3.53 -30.34
C GLY B 9 22.71 -2.28 -30.73
N TYR B 10 22.24 -1.14 -30.22
CA TYR B 10 22.90 0.15 -30.43
C TYR B 10 23.15 0.81 -29.08
N ALA B 11 24.30 1.47 -28.94
CA ALA B 11 24.54 2.26 -27.74
C ALA B 11 24.59 3.76 -28.04
N THR B 12 24.10 4.56 -27.10
CA THR B 12 24.34 5.99 -27.12
C THR B 12 25.05 6.31 -25.81
N TYR B 13 25.23 7.59 -25.53
CA TYR B 13 25.84 7.97 -24.26
C TYR B 13 25.07 9.12 -23.62
N THR B 14 25.20 9.22 -22.30
CA THR B 14 24.44 10.19 -21.53
C THR B 14 25.13 10.38 -20.19
N GLY B 15 24.92 11.55 -19.59
CA GLY B 15 25.51 11.89 -18.31
C GLY B 15 24.53 11.71 -17.15
N SER B 16 23.32 11.28 -17.47
CA SER B 16 22.33 11.03 -16.43
C SER B 16 22.54 9.64 -15.84
N GLY B 17 21.84 9.33 -14.75
CA GLY B 17 21.90 7.99 -14.19
C GLY B 17 22.85 7.84 -13.03
N TYR B 18 23.75 8.82 -12.89
CA TYR B 18 24.61 8.96 -11.72
C TYR B 18 23.81 9.42 -10.53
N SER B 19 22.62 9.96 -10.80
CA SER B 19 21.78 10.54 -9.78
C SER B 19 20.33 10.59 -10.27
N GLY B 20 19.41 10.18 -9.40
CA GLY B 20 18.00 10.25 -9.73
C GLY B 20 17.56 9.15 -10.68
N GLY B 21 18.38 8.11 -10.80
CA GLY B 21 18.03 6.99 -11.68
C GLY B 21 16.83 6.21 -11.18
N ALA B 22 16.11 5.60 -12.10
CA ALA B 22 14.86 4.91 -11.79
C ALA B 22 15.05 3.77 -10.77
N PHE B 23 16.25 3.22 -10.69
CA PHE B 23 16.41 2.01 -9.87
C PHE B 23 16.80 2.32 -8.43
N LEU B 24 16.92 3.60 -8.12
CA LEU B 24 17.22 4.07 -6.78
C LEU B 24 18.49 3.43 -6.22
N LEU B 25 19.54 3.45 -7.01
CA LEU B 25 20.80 2.86 -6.59
C LEU B 25 21.80 3.95 -6.20
N ASP B 26 21.33 5.19 -6.07
CA ASP B 26 22.18 6.33 -5.68
C ASP B 26 22.73 6.13 -4.28
N PRO B 27 23.92 6.71 -4.01
CA PRO B 27 24.77 7.44 -4.95
C PRO B 27 25.67 6.51 -5.76
N ILE B 28 25.88 6.88 -7.02
CA ILE B 28 26.86 6.19 -7.85
C ILE B 28 28.09 7.06 -8.00
N PRO B 29 29.27 6.51 -7.67
CA PRO B 29 30.49 7.32 -7.77
C PRO B 29 30.76 7.68 -9.22
N SER B 30 31.32 8.85 -9.43
CA SER B 30 31.48 9.38 -10.78
C SER B 30 32.45 8.58 -11.65
N ASP B 31 33.33 7.80 -11.03
CA ASP B 31 34.32 7.02 -11.78
C ASP B 31 33.73 5.69 -12.28
N MET B 32 32.50 5.43 -11.89
CA MET B 32 31.82 4.19 -12.24
C MET B 32 31.36 4.20 -13.71
N GLU B 33 31.48 3.05 -14.35
CA GLU B 33 30.93 2.89 -15.70
C GLU B 33 29.53 2.34 -15.57
N ILE B 34 28.55 3.10 -16.07
CA ILE B 34 27.14 2.75 -15.88
C ILE B 34 26.38 2.84 -17.20
N THR B 35 25.13 2.40 -17.19
CA THR B 35 24.26 2.48 -18.36
C THR B 35 22.81 2.55 -17.95
N ALA B 36 21.99 3.16 -18.80
CA ALA B 36 20.55 2.95 -18.74
C ALA B 36 20.23 1.83 -19.73
N ILE B 37 19.13 1.10 -19.51
CA ILE B 37 18.76 -0.03 -20.38
C ILE B 37 17.30 0.06 -20.84
N ASN B 38 17.05 -0.27 -22.11
CA ASN B 38 15.71 -0.22 -22.71
C ASN B 38 14.72 -1.11 -21.92
N PRO B 39 13.43 -0.72 -21.90
CA PRO B 39 12.45 -1.44 -21.07
C PRO B 39 12.24 -2.93 -21.41
N ALA B 40 12.22 -3.29 -22.69
CA ALA B 40 12.01 -4.69 -23.07
C ALA B 40 13.05 -5.64 -22.45
N ASP B 41 14.33 -5.28 -22.59
CA ASP B 41 15.41 -6.07 -22.04
C ASP B 41 15.46 -5.97 -20.52
N LEU B 42 15.12 -4.80 -19.97
CA LEU B 42 15.10 -4.58 -18.52
C LEU B 42 14.16 -5.55 -17.80
N ASN B 43 12.96 -5.66 -18.35
CA ASN B 43 11.90 -6.47 -17.76
C ASN B 43 11.88 -7.94 -18.25
N TYR B 44 13.07 -8.53 -18.32
CA TYR B 44 13.19 -9.95 -18.62
C TYR B 44 12.31 -10.82 -17.72
N GLY B 45 11.65 -11.79 -18.33
CA GLY B 45 10.82 -12.76 -17.62
C GLY B 45 9.51 -12.21 -17.07
N GLY B 46 9.03 -11.12 -17.65
CA GLY B 46 7.85 -10.45 -17.13
C GLY B 46 8.08 -9.80 -15.77
N VAL B 47 9.33 -9.76 -15.33
CA VAL B 47 9.66 -9.20 -14.03
C VAL B 47 10.20 -7.77 -14.19
N LYS B 48 9.50 -6.80 -13.61
CA LYS B 48 9.91 -5.40 -13.72
C LYS B 48 11.26 -5.16 -13.04
N ALA B 49 12.12 -4.38 -13.69
CA ALA B 49 13.47 -4.12 -13.21
C ALA B 49 14.29 -5.40 -12.95
N ALA B 50 13.97 -6.46 -13.69
CA ALA B 50 14.75 -7.70 -13.63
C ALA B 50 16.25 -7.43 -13.76
N LEU B 51 16.63 -6.57 -14.71
CA LEU B 51 18.06 -6.32 -14.91
C LEU B 51 18.64 -5.13 -14.13
N ALA B 52 17.86 -4.59 -13.20
CA ALA B 52 18.31 -3.44 -12.43
C ALA B 52 19.44 -3.85 -11.47
N GLY B 53 20.56 -3.13 -11.51
CA GLY B 53 21.70 -3.45 -10.67
C GLY B 53 22.48 -4.65 -11.16
N SER B 54 22.21 -5.05 -12.41
CA SER B 54 23.01 -6.06 -13.06
C SER B 54 24.22 -5.38 -13.66
N TYR B 55 25.19 -6.18 -14.08
CA TYR B 55 26.34 -5.68 -14.81
C TYR B 55 26.36 -6.30 -16.20
N LEU B 56 26.69 -5.48 -17.19
CA LEU B 56 26.76 -5.95 -18.57
C LEU B 56 28.16 -5.79 -19.13
N GLU B 57 28.63 -6.81 -19.84
CA GLU B 57 29.80 -6.62 -20.70
C GLU B 57 29.27 -6.14 -22.05
N VAL B 58 29.85 -5.05 -22.55
CA VAL B 58 29.40 -4.43 -23.77
C VAL B 58 30.60 -4.32 -24.70
N GLU B 59 30.48 -4.89 -25.90
CA GLU B 59 31.52 -4.73 -26.91
C GLU B 59 31.06 -3.77 -28.00
N GLY B 60 31.86 -2.74 -28.25
CA GLY B 60 31.66 -1.82 -29.35
C GLY B 60 32.77 -2.01 -30.36
N PRO B 61 32.83 -1.13 -31.38
CA PRO B 61 33.83 -1.27 -32.46
C PRO B 61 35.28 -1.11 -32.00
N LYS B 62 35.53 -0.45 -30.87
CA LYS B 62 36.89 -0.13 -30.44
C LYS B 62 37.34 -0.94 -29.24
N GLY B 63 36.45 -1.73 -28.66
CA GLY B 63 36.81 -2.52 -27.50
C GLY B 63 35.63 -3.02 -26.69
N LYS B 64 35.92 -3.51 -25.49
CA LYS B 64 34.92 -4.05 -24.58
C LYS B 64 35.05 -3.40 -23.21
N THR B 65 33.93 -3.21 -22.52
CA THR B 65 33.96 -2.73 -21.15
C THR B 65 32.77 -3.30 -20.39
N THR B 66 32.80 -3.14 -19.07
CA THR B 66 31.71 -3.62 -18.23
C THR B 66 31.00 -2.44 -17.56
N VAL B 67 29.66 -2.49 -17.52
CA VAL B 67 28.89 -1.37 -16.99
C VAL B 67 27.85 -1.83 -15.98
N TYR B 68 27.48 -0.92 -15.10
CA TYR B 68 26.50 -1.16 -14.06
C TYR B 68 25.17 -0.51 -14.46
N VAL B 69 24.09 -1.28 -14.36
CA VAL B 69 22.79 -0.85 -14.83
C VAL B 69 22.07 -0.09 -13.74
N THR B 70 21.97 1.23 -13.89
CA THR B 70 21.44 2.08 -12.83
C THR B 70 20.11 2.74 -13.16
N ASP B 71 19.69 2.69 -14.41
CA ASP B 71 18.58 3.50 -14.85
C ASP B 71 17.86 2.92 -16.06
N LEU B 72 16.63 3.38 -16.28
CA LEU B 72 15.83 3.01 -17.44
C LEU B 72 16.11 3.93 -18.63
N TYR B 73 16.14 3.32 -19.81
CA TYR B 73 16.26 3.99 -21.12
C TYR B 73 14.88 3.96 -21.79
N PRO B 74 14.00 4.90 -21.40
CA PRO B 74 12.57 4.82 -21.72
C PRO B 74 12.27 4.72 -23.21
N GLU B 75 13.02 5.42 -24.05
CA GLU B 75 12.73 5.44 -25.48
C GLU B 75 13.54 4.40 -26.25
N GLY B 76 14.36 3.64 -25.52
CA GLY B 76 15.27 2.70 -26.13
C GLY B 76 14.58 1.53 -26.80
N ALA B 77 15.05 1.21 -28.00
CA ALA B 77 14.59 0.02 -28.71
C ALA B 77 15.18 -1.21 -28.01
N ARG B 78 14.64 -2.38 -28.33
CA ARG B 78 15.21 -3.63 -27.85
C ARG B 78 16.69 -3.70 -28.21
N GLY B 79 17.51 -4.21 -27.29
CA GLY B 79 18.94 -4.25 -27.52
C GLY B 79 19.72 -2.99 -27.17
N ALA B 80 19.03 -1.85 -27.04
CA ALA B 80 19.71 -0.56 -26.86
C ALA B 80 20.17 -0.24 -25.43
N LEU B 81 21.34 0.37 -25.35
CA LEU B 81 21.89 0.86 -24.08
C LEU B 81 22.26 2.34 -24.20
N ASP B 82 22.22 3.05 -23.09
CA ASP B 82 22.62 4.46 -23.03
C ASP B 82 23.74 4.55 -21.97
N LEU B 83 25.00 4.49 -22.41
CA LEU B 83 26.14 4.37 -21.48
C LEU B 83 26.60 5.71 -20.93
N SER B 84 27.27 5.69 -19.78
CA SER B 84 27.99 6.87 -19.32
C SER B 84 29.17 7.07 -20.27
N PRO B 85 29.61 8.33 -20.46
CA PRO B 85 30.57 8.59 -21.54
C PRO B 85 31.94 7.98 -21.30
N ASN B 86 32.32 7.83 -20.03
CA ASN B 86 33.58 7.18 -19.69
C ASN B 86 33.57 5.69 -20.05
N ALA B 87 32.38 5.10 -20.10
CA ALA B 87 32.24 3.73 -20.59
C ALA B 87 32.27 3.73 -22.11
N PHE B 88 31.44 4.59 -22.71
CA PHE B 88 31.26 4.67 -24.17
C PHE B 88 32.59 4.88 -24.89
N ARG B 89 33.35 5.88 -24.44
CA ARG B 89 34.66 6.20 -25.00
C ARG B 89 35.58 4.98 -25.15
N LYS B 90 35.43 4.02 -24.25
CA LYS B 90 36.30 2.84 -24.28
C LYS B 90 35.97 1.88 -25.43
N ILE B 91 34.74 1.96 -25.93
CA ILE B 91 34.29 0.97 -26.91
C ILE B 91 33.91 1.59 -28.24
N GLY B 92 33.71 2.91 -28.25
CA GLY B 92 33.37 3.61 -29.47
C GLY B 92 33.91 5.02 -29.54
N ASN B 93 33.75 5.63 -30.71
CA ASN B 93 34.15 7.03 -30.91
C ASN B 93 32.96 7.94 -30.67
N MET B 94 33.08 8.80 -29.67
CA MET B 94 31.98 9.68 -29.28
C MET B 94 31.56 10.72 -30.33
N LYS B 95 32.39 10.93 -31.34
CA LYS B 95 32.00 11.79 -32.44
C LYS B 95 30.85 11.15 -33.24
N ASP B 96 30.80 9.82 -33.22
CA ASP B 96 29.62 9.10 -33.69
C ASP B 96 28.63 9.08 -32.53
N GLY B 97 27.36 9.32 -32.81
CA GLY B 97 26.37 9.43 -31.74
C GLY B 97 25.87 8.10 -31.25
N LYS B 98 25.79 7.12 -32.15
CA LYS B 98 25.23 5.82 -31.84
C LYS B 98 26.12 4.76 -32.46
N ILE B 99 26.41 3.68 -31.71
CA ILE B 99 27.28 2.62 -32.23
C ILE B 99 26.64 1.22 -32.17
N ASN B 100 27.10 0.31 -33.01
CA ASN B 100 26.64 -1.09 -32.96
C ASN B 100 27.30 -1.81 -31.80
N ILE B 101 26.51 -2.50 -30.98
CA ILE B 101 27.07 -3.23 -29.86
C ILE B 101 26.56 -4.68 -29.77
N LYS B 102 27.29 -5.49 -29.01
CA LYS B 102 26.78 -6.76 -28.51
C LYS B 102 27.03 -6.79 -27.00
N TRP B 103 26.03 -7.20 -26.23
CA TRP B 103 26.16 -7.20 -24.78
C TRP B 103 25.51 -8.42 -24.13
N ARG B 104 25.88 -8.67 -22.88
CA ARG B 104 25.32 -9.76 -22.07
C ARG B 104 25.51 -9.48 -20.59
N VAL B 105 24.62 -10.02 -19.76
CA VAL B 105 24.77 -9.96 -18.32
C VAL B 105 26.02 -10.76 -17.93
N VAL B 106 26.85 -10.19 -17.05
CA VAL B 106 28.00 -10.89 -16.53
C VAL B 106 27.96 -10.85 -15.00
N LYS B 107 28.71 -11.75 -14.38
CA LYS B 107 28.84 -11.73 -12.94
C LYS B 107 29.37 -10.35 -12.50
N ALA B 108 28.79 -9.81 -11.44
CA ALA B 108 29.21 -8.51 -10.94
C ALA B 108 30.65 -8.57 -10.41
N PRO B 109 31.48 -7.59 -10.78
CA PRO B 109 32.84 -7.49 -10.25
C PRO B 109 32.81 -6.92 -8.82
N ILE B 110 32.13 -7.62 -7.92
CA ILE B 110 31.97 -7.13 -6.55
C ILE B 110 32.42 -8.18 -5.55
N THR B 111 32.37 -7.84 -4.27
CA THR B 111 32.65 -8.79 -3.20
C THR B 111 31.66 -8.58 -2.07
N GLY B 112 31.72 -9.47 -1.08
CA GLY B 112 30.83 -9.41 0.07
C GLY B 112 29.39 -9.82 -0.21
N ASN B 113 28.50 -9.46 0.70
CA ASN B 113 27.14 -9.96 0.70
C ASN B 113 26.16 -8.96 0.09
N PHE B 114 24.91 -9.37 -0.03
CA PHE B 114 23.82 -8.43 -0.34
C PHE B 114 23.81 -7.34 0.73
N THR B 115 23.32 -6.18 0.35
CA THR B 115 22.92 -5.15 1.30
C THR B 115 21.46 -4.86 0.96
N TYR B 116 20.59 -4.88 1.96
CA TYR B 116 19.19 -4.55 1.73
C TYR B 116 18.92 -3.07 2.03
N ARG B 117 17.96 -2.51 1.30
CA ARG B 117 17.48 -1.15 1.55
C ARG B 117 15.97 -1.19 1.68
N ILE B 118 15.50 -0.82 2.86
CA ILE B 118 14.09 -0.88 3.19
C ILE B 118 13.56 0.52 2.93
N LYS B 119 12.65 0.64 1.96
CA LYS B 119 12.19 1.95 1.50
C LYS B 119 11.45 2.74 2.58
N GLU B 120 11.65 4.06 2.58
CA GLU B 120 10.83 4.95 3.41
C GLU B 120 9.34 4.61 3.20
N GLY B 121 8.58 4.62 4.28
CA GLY B 121 7.18 4.25 4.21
C GLY B 121 6.92 2.80 4.57
N SER B 122 7.97 1.99 4.60
CA SER B 122 7.83 0.56 4.88
C SER B 122 7.52 0.28 6.35
N SER B 123 6.66 -0.72 6.54
CA SER B 123 6.30 -1.23 7.85
C SER B 123 5.98 -2.71 7.66
N ARG B 124 5.35 -3.31 8.67
CA ARG B 124 4.87 -4.68 8.53
C ARG B 124 3.63 -4.71 7.62
N TRP B 125 2.99 -3.55 7.46
CA TRP B 125 1.78 -3.46 6.65
C TRP B 125 2.08 -3.52 5.16
N TRP B 126 3.17 -2.88 4.78
CA TRP B 126 3.59 -2.79 3.39
C TRP B 126 5.06 -2.44 3.42
N ALA B 127 5.85 -3.20 2.67
CA ALA B 127 7.28 -2.95 2.61
C ALA B 127 7.76 -3.01 1.17
N ALA B 128 8.79 -2.23 0.88
CA ALA B 128 9.48 -2.28 -0.39
C ALA B 128 10.95 -2.52 -0.03
N ILE B 129 11.49 -3.63 -0.49
CA ILE B 129 12.83 -4.02 -0.08
C ILE B 129 13.69 -4.21 -1.31
N GLN B 130 14.78 -3.45 -1.36
CA GLN B 130 15.70 -3.50 -2.47
C GLN B 130 16.91 -4.33 -2.10
N VAL B 131 17.40 -5.11 -3.06
CA VAL B 131 18.68 -5.78 -2.91
C VAL B 131 19.75 -5.01 -3.68
N ARG B 132 20.82 -4.63 -2.98
CA ARG B 132 22.03 -4.08 -3.61
C ARG B 132 23.18 -5.06 -3.49
N ASN B 133 24.26 -4.78 -4.23
CA ASN B 133 25.49 -5.56 -4.19
C ASN B 133 25.23 -7.05 -4.48
N HIS B 134 24.51 -7.32 -5.57
CA HIS B 134 24.17 -8.71 -5.94
C HIS B 134 24.94 -9.13 -7.19
N LYS B 135 25.49 -10.33 -7.17
CA LYS B 135 26.43 -10.76 -8.22
C LYS B 135 25.76 -11.04 -9.57
N TYR B 136 24.47 -11.32 -9.52
CA TYR B 136 23.68 -11.55 -10.73
C TYR B 136 22.31 -10.91 -10.53
N PRO B 137 21.58 -10.64 -11.64
CA PRO B 137 20.25 -10.05 -11.52
C PRO B 137 19.36 -10.81 -10.55
N VAL B 138 18.62 -10.09 -9.72
CA VAL B 138 17.71 -10.70 -8.75
C VAL B 138 16.33 -10.86 -9.39
N MET B 139 16.00 -12.08 -9.82
CA MET B 139 14.73 -12.36 -10.51
C MET B 139 13.58 -12.54 -9.53
N LYS B 140 13.87 -12.88 -8.28
CA LYS B 140 12.81 -13.26 -7.34
C LYS B 140 13.18 -12.99 -5.89
N MET B 141 12.21 -12.50 -5.13
CA MET B 141 12.34 -12.40 -3.68
C MET B 141 11.06 -12.88 -2.99
N GLU B 142 11.23 -13.73 -1.97
CA GLU B 142 10.11 -14.28 -1.22
C GLU B 142 10.42 -14.14 0.26
N TYR B 143 9.37 -14.03 1.06
CA TYR B 143 9.54 -14.07 2.51
C TYR B 143 8.67 -15.17 3.07
N GLU B 144 8.95 -15.60 4.30
CA GLU B 144 8.19 -16.66 4.91
C GLU B 144 7.17 -16.09 5.88
N LYS B 145 6.00 -16.71 5.94
CA LYS B 145 4.97 -16.33 6.90
C LYS B 145 4.08 -17.54 7.12
N ASP B 146 3.97 -17.95 8.39
CA ASP B 146 3.17 -19.10 8.79
C ASP B 146 3.59 -20.38 8.08
N GLY B 147 4.88 -20.48 7.77
CA GLY B 147 5.43 -21.68 7.17
C GLY B 147 5.29 -21.73 5.66
N LYS B 148 4.71 -20.68 5.09
CA LYS B 148 4.58 -20.58 3.64
C LYS B 148 5.50 -19.50 3.08
N TRP B 149 5.98 -19.71 1.87
CA TRP B 149 6.74 -18.71 1.14
C TRP B 149 5.83 -17.85 0.27
N ILE B 150 6.03 -16.53 0.33
CA ILE B 150 5.16 -15.60 -0.37
C ILE B 150 5.98 -14.84 -1.40
N ASN B 151 5.56 -14.90 -2.66
CA ASN B 151 6.22 -14.11 -3.70
C ASN B 151 6.04 -12.60 -3.48
N MET B 152 7.13 -11.85 -3.64
CA MET B 152 7.10 -10.39 -3.61
C MET B 152 7.23 -9.88 -5.03
N GLU B 153 6.33 -8.97 -5.42
CA GLU B 153 6.38 -8.39 -6.74
C GLU B 153 7.55 -7.41 -6.84
N LYS B 154 8.40 -7.58 -7.85
CA LYS B 154 9.42 -6.58 -8.12
C LYS B 154 8.77 -5.37 -8.81
N MET B 155 9.17 -4.18 -8.38
CA MET B 155 8.66 -2.94 -8.95
C MET B 155 9.64 -2.25 -9.90
N ASP B 156 9.11 -1.35 -10.72
CA ASP B 156 9.90 -0.56 -11.67
C ASP B 156 11.03 0.18 -10.96
N TYR B 157 10.80 0.53 -9.70
CA TYR B 157 11.82 1.22 -8.93
C TYR B 157 12.75 0.27 -8.16
N ASN B 158 12.84 -0.97 -8.63
CA ASN B 158 13.89 -1.90 -8.18
C ASN B 158 13.84 -2.21 -6.68
N HIS B 159 12.63 -2.35 -6.16
CA HIS B 159 12.38 -2.89 -4.85
C HIS B 159 11.36 -4.01 -5.01
N PHE B 160 11.46 -5.02 -4.16
CA PHE B 160 10.45 -6.08 -4.07
C PHE B 160 9.42 -5.69 -3.02
N VAL B 161 8.15 -5.90 -3.33
CA VAL B 161 7.07 -5.36 -2.51
C VAL B 161 6.04 -6.42 -2.11
N SER B 162 5.61 -6.34 -0.85
CA SER B 162 4.45 -7.11 -0.41
C SER B 162 3.64 -6.35 0.64
N THR B 163 2.65 -7.04 1.20
CA THR B 163 1.80 -6.47 2.23
C THR B 163 1.55 -7.53 3.30
N ASN B 164 1.18 -7.07 4.50
CA ASN B 164 0.92 -7.96 5.63
C ASN B 164 2.04 -8.97 5.84
N LEU B 165 3.27 -8.47 5.89
CA LEU B 165 4.44 -9.33 5.97
C LEU B 165 4.58 -9.98 7.34
N GLY B 166 3.80 -9.51 8.31
CA GLY B 166 3.80 -10.11 9.64
C GLY B 166 4.83 -9.53 10.58
N THR B 167 4.92 -10.13 11.77
CA THR B 167 5.82 -9.65 12.81
C THR B 167 7.08 -10.48 12.86
N GLY B 168 7.95 -10.18 13.83
CA GLY B 168 9.19 -10.90 14.00
C GLY B 168 10.17 -10.64 12.87
N SER B 169 11.37 -11.21 13.00
CA SER B 169 12.37 -11.15 11.95
C SER B 169 11.85 -11.81 10.69
N LEU B 170 12.30 -11.32 9.54
CA LEU B 170 11.73 -11.76 8.27
C LEU B 170 12.70 -12.69 7.53
N LYS B 171 12.30 -13.94 7.40
CA LYS B 171 13.10 -14.91 6.65
C LYS B 171 12.85 -14.71 5.17
N VAL B 172 13.92 -14.44 4.42
CA VAL B 172 13.77 -14.17 3.00
C VAL B 172 14.62 -15.10 2.14
N ARG B 173 14.20 -15.28 0.90
CA ARG B 173 15.04 -15.98 -0.07
C ARG B 173 15.00 -15.29 -1.43
N MET B 174 16.15 -15.29 -2.09
CA MET B 174 16.31 -14.58 -3.32
C MET B 174 16.70 -15.55 -4.42
N THR B 175 16.24 -15.29 -5.63
CA THR B 175 16.59 -16.15 -6.76
C THR B 175 17.20 -15.31 -7.86
N ASP B 176 18.32 -15.79 -8.40
CA ASP B 176 19.01 -15.07 -9.46
C ASP B 176 18.62 -15.58 -10.83
N ILE B 177 19.20 -14.98 -11.85
CA ILE B 177 18.81 -15.26 -13.23
C ILE B 177 19.17 -16.69 -13.66
N ARG B 178 20.08 -17.32 -12.92
CA ARG B 178 20.52 -18.68 -13.21
C ARG B 178 19.64 -19.70 -12.51
N GLY B 179 18.73 -19.22 -11.66
CA GLY B 179 17.93 -20.11 -10.86
C GLY B 179 18.53 -20.44 -9.50
N LYS B 180 19.64 -19.79 -9.14
CA LYS B 180 20.24 -20.06 -7.85
C LYS B 180 19.46 -19.36 -6.74
N VAL B 181 19.24 -20.09 -5.66
CA VAL B 181 18.47 -19.56 -4.54
C VAL B 181 19.35 -19.45 -3.31
N VAL B 182 19.25 -18.31 -2.63
CA VAL B 182 19.92 -18.12 -1.35
C VAL B 182 18.92 -17.57 -0.36
N LYS B 183 19.23 -17.77 0.91
CA LYS B 183 18.33 -17.49 2.01
C LYS B 183 19.02 -16.54 3.00
N ASP B 184 18.27 -15.63 3.60
CA ASP B 184 18.85 -14.69 4.55
C ASP B 184 17.81 -14.31 5.60
N THR B 185 18.20 -13.51 6.58
CA THR B 185 17.24 -12.96 7.55
C THR B 185 17.40 -11.45 7.74
N ILE B 186 16.29 -10.72 7.68
CA ILE B 186 16.26 -9.28 7.93
C ILE B 186 15.53 -9.05 9.24
N PRO B 187 16.03 -8.13 10.10
CA PRO B 187 15.36 -7.88 11.39
C PRO B 187 13.93 -7.35 11.21
N LYS B 188 13.12 -7.47 12.26
CA LYS B 188 11.69 -7.13 12.20
C LYS B 188 11.43 -5.75 11.58
N LEU B 189 10.41 -5.67 10.74
CA LEU B 189 10.05 -4.41 10.10
C LEU B 189 9.47 -3.48 11.17
N PRO B 190 9.54 -2.16 10.93
CA PRO B 190 8.97 -1.18 11.85
C PRO B 190 7.47 -1.42 12.13
N GLU B 191 7.02 -0.97 13.29
CA GLU B 191 5.61 -1.04 13.69
C GLU B 191 4.71 -0.28 12.71
N SER B 192 5.20 0.83 12.19
CA SER B 192 4.46 1.63 11.23
C SER B 192 5.44 2.30 10.25
N GLY B 193 4.90 3.06 9.32
CA GLY B 193 5.68 3.65 8.25
C GLY B 193 6.96 4.33 8.70
N THR B 194 8.07 3.95 8.07
CA THR B 194 9.35 4.55 8.41
C THR B 194 9.59 5.80 7.54
N SER B 195 10.02 6.88 8.15
CA SER B 195 10.10 8.18 7.46
C SER B 195 11.32 8.30 6.55
N LYS B 196 12.31 7.44 6.81
CA LYS B 196 13.53 7.41 6.00
C LYS B 196 13.76 5.97 5.58
N ALA B 197 14.35 5.81 4.39
CA ALA B 197 14.80 4.50 3.95
C ALA B 197 15.91 4.06 4.91
N TYR B 198 16.04 2.76 5.13
CA TYR B 198 17.17 2.30 5.93
C TYR B 198 17.87 1.08 5.33
N THR B 199 19.06 0.83 5.84
CA THR B 199 20.00 -0.12 5.30
C THR B 199 20.15 -1.30 6.24
N VAL B 200 20.13 -2.50 5.67
CA VAL B 200 20.40 -3.72 6.41
C VAL B 200 21.47 -4.52 5.68
N PRO B 201 22.70 -4.48 6.22
CA PRO B 201 23.79 -5.31 5.70
C PRO B 201 23.34 -6.77 5.71
N GLY B 202 23.45 -7.45 4.57
CA GLY B 202 22.98 -8.82 4.48
C GLY B 202 24.06 -9.83 4.82
N HIS B 203 23.69 -11.11 4.87
CA HIS B 203 24.61 -12.17 5.28
C HIS B 203 24.66 -13.33 4.27
N VAL B 204 24.35 -13.03 3.01
CA VAL B 204 24.38 -14.04 1.96
C VAL B 204 24.67 -13.37 0.63
N GLN B 205 25.21 -14.13 -0.31
CA GLN B 205 25.48 -13.65 -1.65
C GLN B 205 25.08 -14.76 -2.63
N PHE B 206 24.77 -14.44 -3.88
CA PHE B 206 24.55 -15.49 -4.87
C PHE B 206 25.85 -16.25 -5.09
N PRO B 207 25.75 -17.56 -5.34
CA PRO B 207 26.98 -18.32 -5.52
C PRO B 207 27.73 -17.88 -6.76
N GLU B 208 29.06 -18.07 -6.76
CA GLU B 208 29.94 -18.11 -7.94
C GLU B 208 31.40 -17.78 -7.60
#